data_2E0S
#
_entry.id   2E0S
#
_cell.length_a   63.511
_cell.length_b   50.352
_cell.length_c   65.896
_cell.angle_alpha   90.00
_cell.angle_beta   107.88
_cell.angle_gamma   90.00
#
_symmetry.space_group_name_H-M   'P 1 21 1'
#
loop_
_entity.id
_entity.type
_entity.pdbx_description
1 polymer Lactotransferrin
2 branched alpha-D-mannopyranose-(1-4)-[beta-D-mannopyranose-(1-6)]beta-D-mannopyranose-(1-4)-2-acetamido-2-deoxy-beta-D-glucopyranose-(1-4)-2-acetamido-2-deoxy-beta-D-glucopyranose
3 branched 2-acetamido-2-deoxy-beta-D-glucopyranose-(1-4)-2-acetamido-2-deoxy-beta-D-glucopyranose
4 branched beta-D-mannopyranose-(1-4)-alpha-D-mannopyranose-(1-4)-beta-D-mannopyranose-(1-4)-alpha-D-mannopyranose-(1-4)-2-acetamido-2-deoxy-beta-D-glucopyranose-(1-4)-2-acetamido-2-deoxy-beta-D-glucopyranose
5 non-polymer alpha-L-rhamnopyranose
6 non-polymer 'FE (III) ION'
7 non-polymer 'CARBONATE ION'
8 non-polymer 'ZINC ION'
9 non-polymer 'SULFATE ION'
10 water water
#
_entity_poly.entity_id   1
_entity_poly.type   'polypeptide(L)'
_entity_poly.pdbx_seq_one_letter_code
;YTRVVWCAVGPEEQKKCQQWSQQSGQNVTCATASTTDDCIVLVLKGEADALNLDGGYIYTAGKCGLVPVLAENRKSSKHS
SLDCVLRPTEGYLAVAVVKKANEGLTWNSLKDKKSCHTAVDRTAGWNIPMGLIVNQTGSCAFDEFFSQSCAPGADPKSRL
CALCAGDDQGLDKCVPNSKEKYYGYTGAFRCLAEDVGDVAFVKNDTVWENTNGESTADWAKNLKREDFRLLCLDGTRKPV
TEAQSCHLAVAPNHAVVSRSDRAAHVEQVLLHQQALFGKNGKNCPDKFCLFKSETKNLLFNDNTECLAKLGGRPTYEEYL
GTEYVTAIANLKKCSTSPLLEACAF
;
_entity_poly.pdbx_strand_id   A
#
# COMPACT_ATOMS: atom_id res chain seq x y z
N TYR A 1 -6.28 -7.68 -28.17
CA TYR A 1 -7.58 -6.94 -28.10
C TYR A 1 -8.24 -7.16 -26.73
N THR A 2 -8.69 -8.39 -26.49
CA THR A 2 -9.21 -8.82 -25.19
C THR A 2 -8.07 -9.32 -24.28
N ARG A 3 -6.84 -8.94 -24.62
CA ARG A 3 -5.65 -9.23 -23.81
C ARG A 3 -5.27 -7.97 -23.00
N VAL A 4 -5.07 -8.13 -21.69
CA VAL A 4 -4.69 -7.03 -20.78
C VAL A 4 -3.19 -7.13 -20.43
N VAL A 5 -2.45 -6.03 -20.51
CA VAL A 5 -1.08 -5.98 -20.03
C VAL A 5 -0.99 -5.42 -18.62
N TRP A 6 -0.64 -6.29 -17.67
CA TRP A 6 -0.46 -5.87 -16.29
C TRP A 6 0.91 -5.22 -16.11
N CYS A 7 1.00 -4.16 -15.32
CA CYS A 7 2.32 -3.62 -14.99
C CYS A 7 2.80 -4.10 -13.63
N ALA A 8 3.94 -4.78 -13.58
CA ALA A 8 4.55 -5.24 -12.32
C ALA A 8 5.66 -4.30 -11.84
N VAL A 9 5.67 -4.02 -10.53
CA VAL A 9 6.70 -3.19 -9.97
C VAL A 9 7.81 -4.09 -9.38
N GLY A 10 8.96 -4.12 -10.05
CA GLY A 10 10.13 -4.82 -9.51
C GLY A 10 10.08 -6.28 -9.87
N PRO A 11 11.18 -7.02 -9.62
CA PRO A 11 11.36 -8.41 -10.04
C PRO A 11 10.47 -9.51 -9.42
N GLU A 12 9.98 -9.31 -8.20
CA GLU A 12 9.17 -10.33 -7.55
C GLU A 12 7.71 -10.27 -8.02
N GLU A 13 7.21 -9.06 -8.25
CA GLU A 13 5.90 -8.90 -8.89
C GLU A 13 5.95 -9.41 -10.32
N GLN A 14 7.08 -9.21 -11.01
CA GLN A 14 7.24 -9.70 -12.39
C GLN A 14 7.09 -11.23 -12.42
N LYS A 15 7.78 -11.92 -11.52
CA LYS A 15 7.63 -13.36 -11.37
C LYS A 15 6.19 -13.85 -11.10
N LYS A 16 5.49 -13.30 -10.12
CA LYS A 16 4.08 -13.59 -9.90
C LYS A 16 3.24 -13.27 -11.13
N CYS A 17 3.47 -12.12 -11.75
CA CYS A 17 2.77 -11.79 -13.00
C CYS A 17 3.01 -12.84 -14.08
N GLN A 18 4.26 -13.28 -14.26
CA GLN A 18 4.55 -14.29 -15.29
C GLN A 18 3.80 -15.61 -15.07
N GLN A 19 3.65 -16.02 -13.81
CA GLN A 19 2.84 -17.17 -13.47
C GLN A 19 1.34 -16.99 -13.78
N TRP A 20 0.77 -15.83 -13.41
CA TRP A 20 -0.60 -15.45 -13.74
C TRP A 20 -0.79 -15.46 -15.26
N SER A 21 0.13 -14.86 -16.00
CA SER A 21 0.07 -14.84 -17.46
C SER A 21 0.02 -16.24 -18.09
N GLN A 22 0.96 -17.10 -17.72
CA GLN A 22 0.95 -18.52 -18.07
C GLN A 22 -0.38 -19.23 -17.80
N GLN A 23 -0.91 -19.09 -16.59
CA GLN A 23 -2.16 -19.74 -16.18
C GLN A 23 -3.40 -19.17 -16.87
N SER A 24 -3.34 -17.92 -17.30
CA SER A 24 -4.48 -17.29 -17.92
C SER A 24 -4.50 -17.51 -19.43
N GLY A 25 -3.60 -18.36 -19.94
CA GLY A 25 -3.47 -18.59 -21.39
C GLY A 25 -3.14 -17.33 -22.17
N GLN A 26 -2.35 -16.45 -21.54
CA GLN A 26 -1.99 -15.14 -22.11
C GLN A 26 -3.17 -14.20 -22.36
N ASN A 27 -4.29 -14.39 -21.65
CA ASN A 27 -5.28 -13.31 -21.52
C ASN A 27 -4.73 -12.10 -20.76
N VAL A 28 -3.78 -12.36 -19.87
CA VAL A 28 -3.04 -11.32 -19.19
C VAL A 28 -1.58 -11.51 -19.54
N THR A 29 -0.90 -10.44 -19.96
CA THR A 29 0.55 -10.49 -20.09
C THR A 29 1.13 -9.40 -19.17
N CYS A 30 2.45 -9.28 -19.12
CA CYS A 30 3.14 -8.50 -18.10
C CYS A 30 4.12 -7.54 -18.73
N ALA A 31 4.11 -6.30 -18.26
CA ALA A 31 5.18 -5.35 -18.52
C ALA A 31 5.82 -5.09 -17.14
N THR A 32 7.10 -4.73 -17.06
CA THR A 32 7.73 -4.51 -15.74
C THR A 32 8.45 -3.17 -15.68
N ALA A 33 8.41 -2.54 -14.53
CA ALA A 33 9.12 -1.27 -14.30
C ALA A 33 9.71 -1.30 -12.90
N SER A 34 10.65 -0.40 -12.61
CA SER A 34 11.34 -0.45 -11.33
C SER A 34 10.58 0.29 -10.25
N THR A 35 9.68 1.18 -10.67
CA THR A 35 8.93 1.98 -9.71
C THR A 35 7.48 2.09 -10.14
N THR A 36 6.62 2.48 -9.19
CA THR A 36 5.19 2.62 -9.42
C THR A 36 4.94 3.77 -10.41
N ASP A 37 5.66 4.86 -10.23
CA ASP A 37 5.61 5.98 -11.14
C ASP A 37 5.98 5.59 -12.58
N ASP A 38 7.02 4.76 -12.74
CA ASP A 38 7.34 4.26 -14.05
C ASP A 38 6.23 3.39 -14.64
N CYS A 39 5.59 2.58 -13.81
CA CYS A 39 4.41 1.86 -14.28
C CYS A 39 3.28 2.77 -14.77
N ILE A 40 3.01 3.87 -14.07
CA ILE A 40 1.96 4.83 -14.47
C ILE A 40 2.26 5.43 -15.83
N VAL A 41 3.55 5.70 -16.08
CA VAL A 41 4.03 6.19 -17.37
C VAL A 41 3.85 5.17 -18.49
N LEU A 42 4.09 3.89 -18.23
CA LEU A 42 3.79 2.84 -19.19
C LEU A 42 2.29 2.80 -19.54
N VAL A 43 1.44 2.98 -18.52
CA VAL A 43 0.01 2.96 -18.76
C VAL A 43 -0.40 4.18 -19.63
N LEU A 44 0.15 5.36 -19.36
CA LEU A 44 -0.18 6.57 -20.13
C LEU A 44 0.22 6.44 -21.59
N LYS A 45 1.36 5.80 -21.84
CA LYS A 45 1.83 5.57 -23.19
C LYS A 45 1.02 4.52 -23.96
N GLY A 46 0.24 3.69 -23.26
CA GLY A 46 -0.47 2.59 -23.87
C GLY A 46 0.39 1.33 -23.96
N GLU A 47 1.51 1.30 -23.25
CA GLU A 47 2.40 0.12 -23.24
C GLU A 47 2.02 -0.91 -22.17
N ALA A 48 1.24 -0.48 -21.17
CA ALA A 48 0.64 -1.38 -20.23
C ALA A 48 -0.82 -0.92 -20.06
N ASP A 49 -1.67 -1.77 -19.51
CA ASP A 49 -3.10 -1.38 -19.35
C ASP A 49 -3.50 -0.98 -17.94
N ALA A 50 -2.90 -1.65 -16.95
CA ALA A 50 -3.49 -1.60 -15.61
C ALA A 50 -2.52 -2.01 -14.51
N LEU A 51 -2.73 -1.50 -13.31
CA LEU A 51 -2.05 -2.01 -12.10
C LEU A 51 -2.90 -1.60 -10.90
N ASN A 52 -2.64 -2.21 -9.75
CA ASN A 52 -3.38 -1.99 -8.52
C ASN A 52 -2.55 -0.95 -7.74
N LEU A 53 -3.17 0.14 -7.32
CA LEU A 53 -2.41 1.23 -6.71
C LEU A 53 -2.92 1.54 -5.32
N ASP A 54 -2.00 1.96 -4.45
CA ASP A 54 -2.34 2.63 -3.20
C ASP A 54 -3.00 3.99 -3.49
N GLY A 55 -3.85 4.45 -2.57
CA GLY A 55 -4.47 5.77 -2.64
C GLY A 55 -3.58 6.94 -3.04
N GLY A 56 -2.39 7.07 -2.44
CA GLY A 56 -1.46 8.14 -2.82
C GLY A 56 -1.05 8.15 -4.29
N TYR A 57 -0.89 6.95 -4.87
CA TYR A 57 -0.57 6.83 -6.28
C TYR A 57 -1.82 7.01 -7.17
N ILE A 58 -3.00 6.67 -6.68
CA ILE A 58 -4.21 6.93 -7.45
C ILE A 58 -4.33 8.44 -7.66
N TYR A 59 -3.88 9.23 -6.68
CA TYR A 59 -3.86 10.68 -6.81
C TYR A 59 -2.92 11.19 -7.92
N THR A 60 -1.68 10.72 -7.95
CA THR A 60 -0.73 10.93 -9.06
C THR A 60 -1.30 10.52 -10.41
N ALA A 61 -1.87 9.32 -10.46
CA ALA A 61 -2.34 8.77 -11.72
C ALA A 61 -3.57 9.54 -12.25
N GLY A 62 -4.40 10.01 -11.32
CA GLY A 62 -5.68 10.64 -11.62
C GLY A 62 -5.51 12.00 -12.26
N LYS A 63 -4.54 12.74 -11.74
CA LYS A 63 -4.15 14.01 -12.32
C LYS A 63 -3.66 13.88 -13.77
N CYS A 64 -3.27 12.66 -14.16
CA CYS A 64 -2.81 12.34 -15.50
C CYS A 64 -3.89 11.67 -16.34
N GLY A 65 -5.09 11.56 -15.79
CA GLY A 65 -6.25 11.08 -16.55
C GLY A 65 -6.54 9.60 -16.36
N LEU A 66 -5.79 8.89 -15.52
CA LEU A 66 -6.14 7.49 -15.25
C LEU A 66 -7.33 7.40 -14.29
N VAL A 67 -8.09 6.31 -14.36
CA VAL A 67 -9.31 6.18 -13.59
C VAL A 67 -9.34 4.89 -12.77
N PRO A 68 -9.97 4.93 -11.59
CA PRO A 68 -10.22 3.75 -10.78
C PRO A 68 -11.22 2.87 -11.50
N VAL A 69 -10.98 1.55 -11.49
CA VAL A 69 -11.75 0.58 -12.24
C VAL A 69 -12.47 -0.43 -11.33
N LEU A 70 -11.70 -1.13 -10.48
CA LEU A 70 -12.19 -2.04 -9.43
C LEU A 70 -11.35 -1.79 -8.17
N ALA A 71 -11.93 -2.02 -7.00
CA ALA A 71 -11.23 -1.86 -5.73
C ALA A 71 -10.99 -3.16 -4.97
N GLU A 72 -9.86 -3.24 -4.26
CA GLU A 72 -9.69 -4.37 -3.34
C GLU A 72 -10.80 -4.31 -2.28
N ASN A 73 -11.38 -5.45 -2.00
CA ASN A 73 -12.31 -5.54 -0.89
C ASN A 73 -11.83 -6.71 -0.03
N ARG A 74 -11.66 -6.49 1.26
CA ARG A 74 -11.34 -7.58 2.18
C ARG A 74 -12.59 -7.99 2.97
N LYS A 75 -12.45 -9.00 3.83
CA LYS A 75 -13.63 -9.44 4.60
C LYS A 75 -14.19 -8.40 5.57
N SER A 76 -15.51 -8.29 5.61
CA SER A 76 -16.14 -7.40 6.58
C SER A 76 -17.13 -8.16 7.48
N SER A 77 -17.46 -7.59 8.64
CA SER A 77 -18.48 -8.17 9.51
C SER A 77 -19.88 -7.56 9.27
N LYS A 78 -19.91 -6.35 8.72
CA LYS A 78 -21.13 -5.68 8.28
C LYS A 78 -21.33 -5.95 6.79
N HIS A 79 -22.50 -5.61 6.26
CA HIS A 79 -22.82 -5.78 4.83
C HIS A 79 -22.70 -7.21 4.31
N SER A 80 -22.65 -8.18 5.24
CA SER A 80 -22.40 -9.58 4.91
C SER A 80 -23.39 -10.19 3.92
N SER A 81 -24.56 -9.59 3.81
CA SER A 81 -25.59 -10.04 2.88
C SER A 81 -25.11 -10.06 1.42
N LEU A 82 -24.54 -8.94 0.98
CA LEU A 82 -24.16 -8.78 -0.41
C LEU A 82 -22.91 -9.57 -0.83
N ASP A 83 -22.89 -9.99 -2.09
CA ASP A 83 -21.71 -10.64 -2.64
C ASP A 83 -20.51 -9.69 -2.57
N CYS A 84 -19.31 -10.26 -2.52
CA CYS A 84 -18.08 -9.44 -2.39
C CYS A 84 -17.96 -8.40 -3.52
N VAL A 85 -18.15 -8.85 -4.76
CA VAL A 85 -18.03 -7.96 -5.91
C VAL A 85 -18.96 -6.73 -5.85
N LEU A 86 -20.12 -6.87 -5.22
CA LEU A 86 -21.11 -5.80 -5.21
C LEU A 86 -21.13 -4.99 -3.92
N ARG A 87 -20.35 -5.43 -2.93
CA ARG A 87 -20.33 -4.84 -1.59
C ARG A 87 -19.45 -3.59 -1.51
N PRO A 88 -19.95 -2.54 -0.84
CA PRO A 88 -19.20 -1.30 -0.68
C PRO A 88 -17.89 -1.58 0.05
N THR A 89 -16.83 -0.84 -0.29
CA THR A 89 -15.55 -0.96 0.38
C THR A 89 -15.56 -0.15 1.69
N GLU A 90 -14.76 -0.57 2.67
CA GLU A 90 -14.80 0.09 3.98
C GLU A 90 -13.59 0.98 4.26
N GLY A 91 -12.46 0.69 3.66
CA GLY A 91 -11.31 1.56 3.90
C GLY A 91 -10.48 0.93 5.01
N TYR A 92 -9.21 1.26 5.06
CA TYR A 92 -8.40 0.64 6.08
C TYR A 92 -7.97 1.74 7.06
N LEU A 93 -7.51 1.28 8.21
CA LEU A 93 -7.07 2.18 9.25
C LEU A 93 -5.58 2.41 9.14
N ALA A 94 -5.15 3.64 8.87
CA ALA A 94 -3.75 4.04 9.01
C ALA A 94 -3.39 4.20 10.50
N VAL A 95 -2.31 3.56 10.97
CA VAL A 95 -1.92 3.60 12.38
C VAL A 95 -0.42 3.89 12.52
N ALA A 96 0.01 4.34 13.70
CA ALA A 96 1.44 4.38 14.02
C ALA A 96 1.70 3.35 15.12
N VAL A 97 2.71 2.51 14.91
CA VAL A 97 2.94 1.35 15.75
C VAL A 97 4.33 1.45 16.38
N VAL A 98 4.40 1.13 17.67
CA VAL A 98 5.66 1.12 18.41
C VAL A 98 5.73 -0.18 19.21
N LYS A 99 6.91 -0.48 19.75
CA LYS A 99 7.08 -1.54 20.73
C LYS A 99 6.58 -1.09 22.09
N LYS A 100 5.82 -1.94 22.76
CA LYS A 100 5.52 -1.69 24.17
C LYS A 100 6.76 -1.29 25.01
N ALA A 101 7.87 -2.01 24.82
CA ALA A 101 9.11 -1.81 25.58
C ALA A 101 9.70 -0.42 25.45
N ASN A 102 9.36 0.28 24.37
CA ASN A 102 9.80 1.65 24.14
C ASN A 102 8.82 2.59 24.87
N GLU A 103 8.99 2.70 26.19
CA GLU A 103 8.02 3.34 27.08
C GLU A 103 8.08 4.85 27.00
N GLY A 104 6.95 5.48 27.23
CA GLY A 104 6.93 6.94 27.07
C GLY A 104 7.15 7.53 25.69
N LEU A 105 7.26 6.69 24.66
CA LEU A 105 7.17 7.19 23.29
C LEU A 105 5.68 7.30 22.97
N THR A 106 5.24 8.53 22.69
CA THR A 106 3.86 8.81 22.32
C THR A 106 3.92 9.66 21.05
N TRP A 107 2.77 9.94 20.43
CA TRP A 107 2.68 10.86 19.29
C TRP A 107 3.43 12.16 19.53
N ASN A 108 3.35 12.68 20.75
CA ASN A 108 3.99 13.95 21.09
C ASN A 108 5.49 13.88 21.38
N SER A 109 6.11 12.71 21.24
CA SER A 109 7.57 12.65 21.42
C SER A 109 8.27 11.94 20.24
N LEU A 110 7.65 12.05 19.07
CA LEU A 110 8.14 11.45 17.84
C LEU A 110 9.34 12.20 17.27
N LYS A 111 9.47 13.50 17.57
CA LYS A 111 10.59 14.28 17.02
C LYS A 111 11.95 13.68 17.36
N ASP A 112 12.83 13.59 16.35
CA ASP A 112 14.17 12.98 16.49
C ASP A 112 14.20 11.48 16.77
N LYS A 113 13.06 10.81 16.65
CA LYS A 113 13.12 9.35 16.65
C LYS A 113 13.33 8.83 15.23
N LYS A 114 13.43 7.50 15.10
CA LYS A 114 13.67 6.77 13.87
C LYS A 114 12.37 6.20 13.31
N SER A 115 12.08 6.50 12.04
CA SER A 115 10.78 6.09 11.50
C SER A 115 10.89 5.09 10.34
N CYS A 116 9.83 4.33 10.13
CA CYS A 116 9.72 3.27 9.10
C CYS A 116 8.44 3.55 8.31
N HIS A 117 8.57 3.82 7.01
CA HIS A 117 7.47 4.22 6.12
C HIS A 117 7.33 3.19 5.01
N THR A 118 6.11 2.99 4.53
CA THR A 118 5.89 2.03 3.44
C THR A 118 6.68 2.45 2.19
N ALA A 119 6.55 3.71 1.81
CA ALA A 119 7.25 4.30 0.65
C ALA A 119 6.77 5.71 0.63
N VAL A 120 7.57 6.62 0.06
CA VAL A 120 7.14 7.99 -0.20
C VAL A 120 5.89 7.95 -1.07
N ASP A 121 4.98 8.89 -0.80
CA ASP A 121 3.77 9.09 -1.60
C ASP A 121 2.63 8.13 -1.35
N ARG A 122 2.81 7.26 -0.38
CA ARG A 122 1.77 6.30 -0.03
C ARG A 122 0.85 6.79 1.11
N THR A 123 -0.38 6.28 1.19
CA THR A 123 -1.31 6.74 2.22
C THR A 123 -0.98 6.61 3.71
N ALA A 124 -0.84 5.39 4.19
CA ALA A 124 -0.59 5.17 5.60
C ALA A 124 0.89 5.39 5.91
N GLY A 125 1.75 5.17 4.92
CA GLY A 125 3.19 5.26 5.17
C GLY A 125 3.75 6.67 5.08
N TRP A 126 3.04 7.55 4.38
CA TRP A 126 3.59 8.85 4.04
C TRP A 126 2.58 9.99 4.09
N ASN A 127 1.55 9.95 3.25
CA ASN A 127 0.71 11.12 3.12
C ASN A 127 -0.01 11.47 4.41
N ILE A 128 -0.52 10.48 5.13
CA ILE A 128 -1.27 10.77 6.33
C ILE A 128 -0.33 11.23 7.46
N PRO A 129 0.70 10.42 7.81
CA PRO A 129 1.53 10.86 8.93
C PRO A 129 2.34 12.13 8.71
N MET A 130 2.88 12.33 7.52
CA MET A 130 3.63 13.55 7.21
C MET A 130 2.76 14.78 7.05
N GLY A 131 1.54 14.59 6.53
CA GLY A 131 0.58 15.68 6.48
C GLY A 131 0.22 16.18 7.86
N LEU A 132 -0.06 15.23 8.77
CA LEU A 132 -0.32 15.57 10.17
C LEU A 132 0.87 16.27 10.81
N ILE A 133 2.07 15.72 10.60
CA ILE A 133 3.29 16.32 11.16
C ILE A 133 3.60 17.69 10.58
N VAL A 134 3.44 17.91 9.27
CA VAL A 134 3.53 19.28 8.73
C VAL A 134 2.54 20.27 9.37
N ASN A 135 1.26 19.90 9.43
CA ASN A 135 0.26 20.77 10.01
C ASN A 135 0.62 21.15 11.44
N GLN A 136 0.96 20.13 12.23
CA GLN A 136 1.25 20.32 13.63
C GLN A 136 2.51 21.16 13.89
N THR A 137 3.52 20.98 13.06
CA THR A 137 4.80 21.68 13.19
C THR A 137 4.81 23.05 12.50
N GLY A 138 3.78 23.34 11.70
CA GLY A 138 3.75 24.54 10.88
C GLY A 138 4.96 24.69 9.97
N SER A 139 5.60 23.58 9.62
CA SER A 139 6.84 23.60 8.83
C SER A 139 6.82 22.54 7.72
N CYS A 140 7.48 22.83 6.59
CA CYS A 140 7.54 21.91 5.47
C CYS A 140 8.83 21.11 5.47
N ALA A 141 9.58 21.22 6.57
CA ALA A 141 10.82 20.49 6.68
C ALA A 141 10.63 19.11 7.30
N PHE A 142 9.71 18.31 6.73
CA PHE A 142 9.43 16.94 7.22
C PHE A 142 10.62 15.98 7.06
N ASP A 143 11.60 16.41 6.28
CA ASP A 143 12.84 15.66 6.10
C ASP A 143 13.83 15.89 7.24
N GLU A 144 13.47 16.78 8.16
CA GLU A 144 14.27 17.04 9.36
C GLU A 144 13.54 16.70 10.66
N PHE A 145 12.32 16.20 10.56
CA PHE A 145 11.59 15.79 11.75
C PHE A 145 12.18 14.55 12.43
N PHE A 146 12.41 13.48 11.66
CA PHE A 146 12.91 12.26 12.25
C PHE A 146 14.44 12.28 12.14
N SER A 147 15.18 11.67 13.08
CA SER A 147 16.62 11.70 12.92
C SER A 147 17.06 10.86 11.74
N GLN A 148 16.46 9.68 11.59
CA GLN A 148 16.76 8.74 10.51
C GLN A 148 15.48 7.97 10.15
N SER A 149 15.30 7.60 8.88
CA SER A 149 14.12 6.84 8.45
C SER A 149 14.45 5.80 7.41
N CYS A 150 13.47 4.93 7.13
CA CYS A 150 13.47 4.24 5.86
C CYS A 150 12.17 4.72 5.22
N ALA A 151 12.28 5.50 4.15
CA ALA A 151 11.14 6.01 3.38
C ALA A 151 11.48 5.73 1.90
N PRO A 152 11.24 4.50 1.42
CA PRO A 152 11.60 4.15 0.05
C PRO A 152 11.10 5.15 -0.99
N GLY A 153 11.96 5.50 -1.95
CA GLY A 153 11.57 6.51 -2.92
C GLY A 153 12.15 7.88 -2.62
N ALA A 154 12.76 8.08 -1.46
CA ALA A 154 13.44 9.35 -1.11
C ALA A 154 14.92 9.29 -1.54
N ASP A 155 15.67 10.37 -1.47
CA ASP A 155 17.08 10.35 -1.90
C ASP A 155 17.92 9.39 -1.05
N PRO A 156 18.54 8.38 -1.70
CA PRO A 156 19.33 7.37 -0.97
C PRO A 156 20.47 7.91 -0.07
N LYS A 157 20.99 9.10 -0.37
CA LYS A 157 22.05 9.75 0.44
C LYS A 157 21.46 10.59 1.58
N SER A 158 20.14 10.78 1.62
CA SER A 158 19.53 11.50 2.73
C SER A 158 19.22 10.63 3.94
N ARG A 159 18.88 11.29 5.04
CA ARG A 159 18.52 10.62 6.26
C ARG A 159 17.20 9.86 6.19
N LEU A 160 16.33 10.24 5.23
CA LEU A 160 15.10 9.51 4.94
C LEU A 160 15.35 8.10 4.36
N CYS A 161 16.59 7.80 3.96
CA CYS A 161 16.97 6.47 3.50
C CYS A 161 18.02 5.76 4.35
N ALA A 162 18.43 6.41 5.44
CA ALA A 162 19.57 5.95 6.22
C ALA A 162 19.31 4.57 6.77
N LEU A 163 18.06 4.28 7.11
CA LEU A 163 17.71 3.01 7.73
C LEU A 163 17.29 1.92 6.74
N CYS A 164 17.12 2.28 5.46
CA CYS A 164 16.78 1.26 4.45
C CYS A 164 17.97 0.33 4.20
N ALA A 165 17.71 -0.92 3.80
CA ALA A 165 18.76 -1.92 3.78
C ALA A 165 19.10 -2.37 2.36
N GLY A 166 18.22 -2.14 1.38
CA GLY A 166 18.44 -2.68 0.05
C GLY A 166 18.15 -4.19 -0.02
N ASP A 167 18.68 -4.86 -1.03
CA ASP A 167 18.38 -6.28 -1.21
C ASP A 167 19.36 -7.18 -0.44
N ASP A 168 19.41 -8.46 -0.80
N ASP A 168 19.45 -8.44 -0.84
CA ASP A 168 20.27 -9.44 -0.10
CA ASP A 168 20.24 -9.46 -0.14
C ASP A 168 21.72 -9.00 -0.14
C ASP A 168 21.75 -9.20 -0.27
N GLN A 169 22.11 -8.39 -1.25
CA GLN A 169 23.49 -8.00 -1.48
C GLN A 169 23.77 -6.56 -1.08
N GLY A 170 22.78 -5.85 -0.54
CA GLY A 170 22.94 -4.43 -0.24
C GLY A 170 22.75 -3.50 -1.43
N LEU A 171 22.26 -4.04 -2.54
CA LEU A 171 22.01 -3.23 -3.73
C LEU A 171 20.58 -2.68 -3.63
N ASP A 172 20.32 -1.57 -4.33
CA ASP A 172 18.98 -1.03 -4.52
C ASP A 172 18.43 -0.45 -3.22
N LYS A 173 19.33 0.05 -2.38
CA LYS A 173 18.98 0.70 -1.11
C LYS A 173 17.96 1.77 -1.38
N CYS A 174 16.79 1.58 -0.79
CA CYS A 174 15.75 2.59 -0.76
C CYS A 174 14.92 2.70 -2.04
N VAL A 175 14.99 1.70 -2.91
CA VAL A 175 14.18 1.73 -4.13
C VAL A 175 12.75 1.43 -3.70
N PRO A 176 11.77 2.13 -4.30
CA PRO A 176 10.40 1.81 -3.88
C PRO A 176 9.77 0.64 -4.63
N ASN A 177 10.33 -0.54 -4.38
CA ASN A 177 9.83 -1.80 -4.84
C ASN A 177 10.28 -2.86 -3.85
N SER A 178 9.74 -4.06 -3.95
CA SER A 178 9.93 -5.08 -2.92
C SER A 178 11.37 -5.64 -2.88
N LYS A 179 12.28 -5.14 -3.71
CA LYS A 179 13.68 -5.48 -3.52
C LYS A 179 14.24 -4.88 -2.25
N GLU A 180 13.77 -3.68 -1.89
CA GLU A 180 14.18 -3.06 -0.64
C GLU A 180 13.58 -3.86 0.52
N LYS A 181 14.42 -4.41 1.38
CA LYS A 181 13.96 -5.19 2.52
C LYS A 181 12.83 -4.57 3.37
N TYR A 182 12.89 -3.26 3.59
CA TYR A 182 11.90 -2.56 4.43
C TYR A 182 10.83 -1.79 3.62
N TYR A 183 10.58 -2.22 2.39
CA TYR A 183 9.52 -1.63 1.54
C TYR A 183 8.13 -2.15 1.85
N GLY A 184 7.13 -1.28 1.75
CA GLY A 184 5.76 -1.77 1.83
C GLY A 184 5.27 -1.90 3.26
N TYR A 185 4.00 -2.29 3.38
CA TYR A 185 3.44 -2.53 4.70
C TYR A 185 4.27 -3.49 5.53
N THR A 186 4.55 -4.65 4.95
CA THR A 186 5.26 -5.72 5.62
C THR A 186 6.72 -5.30 5.93
N GLY A 187 7.38 -4.63 4.99
CA GLY A 187 8.72 -4.12 5.19
C GLY A 187 8.85 -3.06 6.26
N ALA A 188 7.95 -2.08 6.28
CA ALA A 188 7.91 -1.08 7.34
C ALA A 188 7.62 -1.72 8.71
N PHE A 189 6.76 -2.73 8.77
CA PHE A 189 6.48 -3.36 10.06
C PHE A 189 7.72 -4.17 10.52
N ARG A 190 8.45 -4.76 9.57
CA ARG A 190 9.68 -5.49 9.85
C ARG A 190 10.82 -4.62 10.40
N CYS A 191 10.94 -3.41 9.85
CA CYS A 191 11.84 -2.37 10.30
C CYS A 191 11.61 -1.98 11.77
N LEU A 192 10.35 -1.90 12.15
CA LEU A 192 10.00 -1.73 13.56
C LEU A 192 10.35 -2.98 14.38
N ALA A 193 9.91 -4.14 13.93
CA ALA A 193 10.04 -5.38 14.68
C ALA A 193 11.51 -5.75 14.96
N GLU A 194 12.40 -5.39 14.05
CA GLU A 194 13.83 -5.68 14.15
C GLU A 194 14.52 -4.58 14.90
N ASP A 195 13.72 -3.64 15.40
CA ASP A 195 14.21 -2.46 16.11
C ASP A 195 15.16 -1.56 15.30
N VAL A 196 15.00 -1.50 13.99
CA VAL A 196 15.76 -0.54 13.20
C VAL A 196 15.15 0.83 13.46
N GLY A 197 13.82 0.91 13.48
CA GLY A 197 13.21 2.21 13.73
C GLY A 197 12.41 2.11 15.02
N ASP A 198 11.97 3.26 15.51
CA ASP A 198 11.13 3.39 16.71
C ASP A 198 9.63 3.33 16.44
N VAL A 199 9.22 3.75 15.25
CA VAL A 199 7.78 3.79 14.87
C VAL A 199 7.60 3.31 13.43
N ALA A 200 6.51 2.55 13.15
CA ALA A 200 6.19 2.16 11.78
C ALA A 200 4.79 2.73 11.43
N PHE A 201 4.71 3.31 10.25
CA PHE A 201 3.49 3.92 9.73
C PHE A 201 3.03 2.88 8.72
N VAL A 202 1.92 2.24 9.10
CA VAL A 202 1.33 1.11 8.39
C VAL A 202 -0.20 1.14 8.56
N LYS A 203 -0.89 0.05 8.25
CA LYS A 203 -2.32 -0.05 8.47
C LYS A 203 -2.55 -1.07 9.58
N ASN A 204 -3.77 -1.05 10.11
CA ASN A 204 -4.15 -1.93 11.23
C ASN A 204 -3.87 -3.37 10.89
N ASP A 205 -4.27 -3.78 9.69
CA ASP A 205 -4.21 -5.18 9.27
C ASP A 205 -2.79 -5.81 9.29
N THR A 206 -1.79 -5.00 9.01
CA THR A 206 -0.38 -5.43 8.96
C THR A 206 0.10 -6.01 10.30
N VAL A 207 -0.21 -5.34 11.40
CA VAL A 207 0.11 -5.80 12.75
C VAL A 207 -0.44 -7.21 13.02
N TRP A 208 -1.73 -7.41 12.74
CA TRP A 208 -2.40 -8.72 12.95
C TRP A 208 -1.88 -9.84 12.09
N GLU A 209 -1.59 -9.51 10.83
CA GLU A 209 -1.13 -10.46 9.86
C GLU A 209 0.29 -10.90 10.08
N ASN A 210 1.05 -10.11 10.84
CA ASN A 210 2.46 -10.46 11.06
C ASN A 210 2.83 -10.79 12.51
N THR A 211 1.85 -11.22 13.30
CA THR A 211 2.05 -11.54 14.72
C THR A 211 1.28 -12.81 15.13
N ASN A 212 1.62 -13.36 16.30
CA ASN A 212 0.91 -14.51 16.90
C ASN A 212 0.79 -15.71 15.99
N GLY A 213 1.86 -16.02 15.27
CA GLY A 213 1.84 -17.15 14.33
C GLY A 213 1.15 -16.95 13.00
N GLU A 214 0.68 -15.74 12.70
CA GLU A 214 -0.02 -15.54 11.42
C GLU A 214 0.91 -15.54 10.21
N SER A 215 2.20 -15.28 10.42
CA SER A 215 3.13 -15.26 9.29
C SER A 215 4.02 -16.48 9.04
N THR A 216 4.77 -16.94 10.03
CA THR A 216 5.76 -18.02 9.79
C THR A 216 7.07 -17.56 9.14
N ALA A 217 7.08 -16.39 8.52
CA ALA A 217 8.32 -15.80 8.03
C ALA A 217 9.27 -15.66 9.21
N ASP A 218 10.56 -15.85 8.96
CA ASP A 218 11.54 -16.02 10.04
C ASP A 218 11.57 -14.85 11.01
N TRP A 219 11.45 -13.62 10.50
CA TRP A 219 11.51 -12.45 11.38
C TRP A 219 10.22 -12.28 12.16
N ALA A 220 9.14 -12.92 11.73
CA ALA A 220 7.80 -12.70 12.33
C ALA A 220 7.28 -13.86 13.18
N LYS A 221 7.92 -15.02 12.99
CA LYS A 221 7.71 -16.24 13.78
C LYS A 221 7.31 -16.01 15.23
N ASN A 222 8.06 -15.17 15.92
CA ASN A 222 7.94 -15.02 17.36
C ASN A 222 7.37 -13.68 17.82
N LEU A 223 6.73 -12.92 16.93
CA LEU A 223 6.19 -11.63 17.33
C LEU A 223 4.80 -11.86 17.94
N LYS A 224 4.53 -11.15 19.03
CA LYS A 224 3.29 -11.28 19.78
C LYS A 224 2.65 -9.90 19.72
N ARG A 225 1.35 -9.81 19.43
CA ARG A 225 0.58 -8.55 19.44
C ARG A 225 0.79 -7.70 20.68
N GLU A 226 0.86 -8.36 21.83
CA GLU A 226 1.00 -7.67 23.11
C GLU A 226 2.32 -6.91 23.21
N ASP A 227 3.26 -7.28 22.36
CA ASP A 227 4.55 -6.57 22.37
C ASP A 227 4.47 -5.22 21.63
N PHE A 228 3.29 -4.88 21.13
CA PHE A 228 3.13 -3.66 20.33
C PHE A 228 2.07 -2.73 20.89
N ARG A 229 2.25 -1.43 20.63
CA ARG A 229 1.25 -0.40 20.97
C ARG A 229 1.00 0.53 19.78
N LEU A 230 -0.25 0.97 19.63
CA LEU A 230 -0.65 2.04 18.70
C LEU A 230 -0.48 3.40 19.34
N LEU A 231 -0.02 4.39 18.57
CA LEU A 231 0.01 5.77 19.05
C LEU A 231 -1.22 6.54 18.57
N CYS A 232 -1.95 7.10 19.53
CA CYS A 232 -3.18 7.85 19.25
C CYS A 232 -2.84 9.32 19.19
N LEU A 233 -3.68 10.08 18.48
CA LEU A 233 -3.45 11.50 18.28
C LEU A 233 -3.65 12.33 19.57
N ASP A 234 -4.34 11.78 20.56
CA ASP A 234 -4.45 12.46 21.87
C ASP A 234 -3.27 12.24 22.83
N GLY A 235 -2.15 11.69 22.37
CA GLY A 235 -1.03 11.43 23.27
C GLY A 235 -1.05 10.11 24.04
N THR A 236 -2.10 9.32 23.90
CA THR A 236 -2.11 8.03 24.60
C THR A 236 -1.51 6.91 23.75
N ARG A 237 -1.35 5.74 24.35
CA ARG A 237 -0.89 4.54 23.70
C ARG A 237 -1.94 3.49 23.99
N LYS A 238 -2.27 2.64 23.02
CA LYS A 238 -3.31 1.66 23.24
C LYS A 238 -2.92 0.31 22.66
N PRO A 239 -3.48 -0.78 23.20
CA PRO A 239 -3.30 -2.08 22.54
C PRO A 239 -3.80 -2.12 21.10
N VAL A 240 -3.24 -3.06 20.33
CA VAL A 240 -3.54 -3.12 18.90
C VAL A 240 -4.99 -3.49 18.68
N THR A 241 -5.66 -3.97 19.73
CA THR A 241 -7.10 -4.28 19.63
C THR A 241 -8.01 -3.07 19.55
N GLU A 242 -7.45 -1.88 19.80
CA GLU A 242 -8.23 -0.66 19.91
C GLU A 242 -8.05 0.27 18.71
N ALA A 243 -7.71 -0.25 17.54
CA ALA A 243 -7.40 0.62 16.41
C ALA A 243 -8.61 1.46 15.97
N GLN A 244 -9.82 1.01 16.28
N GLN A 244 -9.80 0.99 16.32
CA GLN A 244 -10.98 1.79 15.90
CA GLN A 244 -11.03 1.70 15.99
C GLN A 244 -11.03 3.12 16.66
C GLN A 244 -11.12 3.04 16.73
N SER A 245 -10.39 3.18 17.82
CA SER A 245 -10.39 4.42 18.61
C SER A 245 -9.01 5.07 18.63
N CYS A 246 -8.06 4.47 17.94
CA CYS A 246 -6.68 4.92 17.96
C CYS A 246 -5.98 4.78 16.58
N HIS A 247 -6.43 5.57 15.60
CA HIS A 247 -5.87 5.54 14.24
C HIS A 247 -5.63 6.98 13.78
N LEU A 248 -4.88 7.13 12.69
CA LEU A 248 -4.54 8.45 12.22
C LEU A 248 -5.56 8.91 11.16
N ALA A 249 -6.17 7.97 10.44
CA ALA A 249 -7.15 8.28 9.39
C ALA A 249 -7.69 6.96 8.90
N VAL A 250 -8.82 6.99 8.20
CA VAL A 250 -9.20 5.84 7.39
C VAL A 250 -8.81 6.11 5.92
N ALA A 251 -8.16 5.12 5.31
CA ALA A 251 -7.61 5.29 3.99
C ALA A 251 -8.55 4.65 2.95
N PRO A 252 -8.65 5.23 1.74
CA PRO A 252 -9.38 4.52 0.71
C PRO A 252 -8.66 3.24 0.24
N ASN A 253 -9.41 2.21 -0.10
CA ASN A 253 -8.77 0.95 -0.46
C ASN A 253 -7.88 1.18 -1.71
N HIS A 254 -6.83 0.36 -1.84
CA HIS A 254 -6.08 0.19 -3.08
C HIS A 254 -7.05 -0.23 -4.17
N ALA A 255 -6.80 0.25 -5.39
CA ALA A 255 -7.72 0.06 -6.51
C ALA A 255 -6.92 -0.11 -7.80
N VAL A 256 -7.47 -0.92 -8.71
CA VAL A 256 -6.97 -1.05 -10.08
C VAL A 256 -7.27 0.24 -10.85
N VAL A 257 -6.27 0.76 -11.55
CA VAL A 257 -6.49 1.95 -12.36
C VAL A 257 -6.06 1.64 -13.77
N SER A 258 -6.64 2.37 -14.72
CA SER A 258 -6.27 2.22 -16.12
C SER A 258 -6.55 3.54 -16.83
N ARG A 259 -6.10 3.64 -18.08
CA ARG A 259 -6.46 4.77 -18.92
C ARG A 259 -7.97 4.73 -19.12
N SER A 260 -8.59 5.91 -19.15
CA SER A 260 -10.03 5.98 -19.32
C SER A 260 -10.57 5.20 -20.50
N ASP A 261 -9.88 5.27 -21.63
CA ASP A 261 -10.33 4.62 -22.85
C ASP A 261 -10.20 3.09 -22.81
N ARG A 262 -9.55 2.57 -21.76
N ARG A 262 -9.60 2.54 -21.75
CA ARG A 262 -9.30 1.14 -21.62
CA ARG A 262 -9.45 1.11 -21.71
C ARG A 262 -10.17 0.52 -20.52
C ARG A 262 -10.12 0.51 -20.47
N ALA A 263 -10.71 1.38 -19.66
CA ALA A 263 -11.35 0.97 -18.40
C ALA A 263 -12.31 -0.20 -18.53
N ALA A 264 -13.19 -0.13 -19.53
CA ALA A 264 -14.27 -1.09 -19.68
C ALA A 264 -13.74 -2.47 -19.98
N HIS A 265 -12.67 -2.51 -20.76
CA HIS A 265 -12.05 -3.77 -21.17
C HIS A 265 -11.24 -4.39 -20.04
N VAL A 266 -10.55 -3.55 -19.29
CA VAL A 266 -9.81 -4.04 -18.14
C VAL A 266 -10.79 -4.63 -17.13
N GLU A 267 -11.94 -4.00 -16.94
CA GLU A 267 -12.90 -4.45 -15.93
C GLU A 267 -13.44 -5.82 -16.28
N GLN A 268 -13.88 -6.00 -17.51
CA GLN A 268 -14.37 -7.28 -17.99
C GLN A 268 -13.34 -8.39 -17.79
N VAL A 269 -12.10 -8.16 -18.20
CA VAL A 269 -11.10 -9.22 -18.08
C VAL A 269 -10.83 -9.61 -16.62
N LEU A 270 -10.72 -8.63 -15.74
CA LEU A 270 -10.39 -8.87 -14.35
C LEU A 270 -11.51 -9.57 -13.59
N LEU A 271 -12.76 -9.21 -13.88
CA LEU A 271 -13.91 -9.92 -13.32
C LEU A 271 -13.84 -11.42 -13.65
N HIS A 272 -13.48 -11.79 -14.88
CA HIS A 272 -13.31 -13.19 -15.29
C HIS A 272 -12.06 -13.85 -14.69
N GLN A 273 -10.94 -13.15 -14.65
CA GLN A 273 -9.74 -13.65 -13.95
C GLN A 273 -9.92 -13.99 -12.47
N GLN A 274 -10.73 -13.23 -11.74
CA GLN A 274 -10.96 -13.54 -10.33
C GLN A 274 -11.93 -14.71 -10.05
N ALA A 275 -12.82 -14.97 -11.01
CA ALA A 275 -13.66 -16.17 -11.01
C ALA A 275 -12.81 -17.42 -11.13
N LEU A 276 -11.75 -17.33 -11.93
CA LEU A 276 -10.76 -18.40 -12.12
C LEU A 276 -9.72 -18.49 -10.99
N PHE A 277 -9.22 -17.36 -10.51
CA PHE A 277 -8.07 -17.33 -9.58
C PHE A 277 -8.27 -16.61 -8.24
N GLY A 278 -9.42 -16.00 -8.03
CA GLY A 278 -9.71 -15.35 -6.77
C GLY A 278 -9.95 -16.31 -5.62
N LYS A 279 -10.50 -15.80 -4.52
CA LYS A 279 -10.64 -16.56 -3.27
C LYS A 279 -11.31 -17.93 -3.41
N ASN A 280 -12.46 -18.01 -4.09
CA ASN A 280 -13.06 -19.33 -4.28
C ASN A 280 -13.01 -19.78 -5.73
N GLY A 281 -12.02 -19.27 -6.45
CA GLY A 281 -11.95 -19.51 -7.88
C GLY A 281 -11.80 -20.97 -8.27
N LYS A 282 -12.26 -21.26 -9.48
CA LYS A 282 -12.21 -22.59 -10.07
C LYS A 282 -10.83 -23.20 -9.96
N ASN A 283 -9.80 -22.37 -10.07
CA ASN A 283 -8.42 -22.86 -10.13
C ASN A 283 -7.50 -22.43 -9.01
N CYS A 284 -8.01 -21.77 -7.97
CA CYS A 284 -7.08 -21.11 -7.06
C CYS A 284 -6.31 -22.11 -6.21
N PRO A 285 -6.99 -22.76 -5.26
CA PRO A 285 -6.07 -23.53 -4.43
C PRO A 285 -5.17 -24.40 -5.33
N ASP A 286 -5.73 -24.86 -6.45
CA ASP A 286 -5.11 -25.89 -7.29
C ASP A 286 -3.98 -25.41 -8.17
N LYS A 287 -4.30 -24.57 -9.16
CA LYS A 287 -3.28 -24.07 -10.07
C LYS A 287 -2.63 -22.75 -9.60
N PHE A 288 -3.43 -21.73 -9.32
CA PHE A 288 -2.89 -20.38 -9.07
C PHE A 288 -3.94 -19.56 -8.31
N CYS A 289 -3.46 -18.76 -7.36
CA CYS A 289 -4.26 -17.83 -6.59
C CYS A 289 -3.72 -16.39 -6.78
N LEU A 290 -4.48 -15.56 -7.49
CA LEU A 290 -4.22 -14.12 -7.61
C LEU A 290 -3.89 -13.39 -6.31
N PHE A 291 -4.60 -13.71 -5.23
CA PHE A 291 -4.48 -12.89 -4.02
C PHE A 291 -3.60 -13.57 -2.95
N LYS A 292 -2.74 -14.48 -3.36
CA LYS A 292 -1.73 -14.99 -2.43
C LYS A 292 -0.30 -14.76 -2.92
N SER A 293 0.62 -14.57 -1.99
CA SER A 293 2.06 -14.49 -2.25
C SER A 293 2.89 -14.57 -0.96
N GLU A 294 2.62 -15.55 -0.12
CA GLU A 294 3.30 -15.65 1.19
C GLU A 294 3.61 -14.35 1.95
N THR A 295 2.59 -13.53 2.22
CA THR A 295 2.67 -12.35 3.13
C THR A 295 3.35 -11.12 2.51
N LYS A 296 3.56 -11.19 1.21
CA LYS A 296 4.43 -10.28 0.49
C LYS A 296 3.67 -9.23 -0.32
N ASN A 297 2.35 -9.35 -0.36
CA ASN A 297 1.46 -8.39 -1.02
C ASN A 297 1.92 -8.03 -2.44
N LEU A 298 2.08 -9.03 -3.30
CA LEU A 298 2.64 -8.83 -4.64
C LEU A 298 1.43 -8.68 -5.55
N LEU A 299 1.37 -7.58 -6.30
CA LEU A 299 0.25 -7.18 -7.20
C LEU A 299 -0.99 -6.69 -6.51
N PHE A 300 -1.45 -7.50 -5.55
CA PHE A 300 -2.60 -7.22 -4.73
C PHE A 300 -2.23 -7.53 -3.29
N ASN A 301 -2.96 -6.95 -2.35
CA ASN A 301 -2.79 -7.27 -0.95
C ASN A 301 -3.25 -8.69 -0.67
N ASP A 302 -2.52 -9.42 0.17
CA ASP A 302 -2.83 -10.84 0.41
C ASP A 302 -4.15 -10.98 1.14
N ASN A 303 -4.58 -9.97 1.88
CA ASN A 303 -5.88 -10.09 2.55
C ASN A 303 -7.09 -9.80 1.64
N THR A 304 -6.88 -9.62 0.33
CA THR A 304 -7.98 -9.30 -0.57
C THR A 304 -8.94 -10.48 -0.75
N GLU A 305 -10.22 -10.25 -0.47
CA GLU A 305 -11.23 -11.26 -0.75
C GLU A 305 -11.71 -11.25 -2.22
N CYS A 306 -11.88 -10.06 -2.80
CA CYS A 306 -12.22 -9.93 -4.22
C CYS A 306 -11.91 -8.50 -4.67
N LEU A 307 -11.94 -8.27 -5.98
CA LEU A 307 -12.00 -6.92 -6.50
C LEU A 307 -13.48 -6.58 -6.68
N ALA A 308 -13.88 -5.40 -6.21
CA ALA A 308 -15.28 -4.95 -6.14
C ALA A 308 -15.57 -3.87 -7.20
N LYS A 309 -16.79 -3.89 -7.76
CA LYS A 309 -17.19 -2.87 -8.74
C LYS A 309 -17.38 -1.61 -7.94
N LEU A 310 -17.20 -0.44 -8.56
CA LEU A 310 -17.23 0.80 -7.78
C LEU A 310 -18.62 1.39 -7.60
N GLY A 311 -19.29 1.78 -8.68
CA GLY A 311 -20.68 2.20 -8.45
C GLY A 311 -20.76 3.63 -7.98
N GLY A 312 -21.58 4.39 -8.69
CA GLY A 312 -21.46 5.84 -8.70
C GLY A 312 -20.42 6.22 -9.73
N ARG A 313 -19.96 5.23 -10.51
CA ARG A 313 -18.89 5.41 -11.50
C ARG A 313 -17.97 6.57 -11.10
N PRO A 314 -17.22 6.42 -10.00
CA PRO A 314 -16.53 7.59 -9.44
C PRO A 314 -15.33 8.06 -10.25
N THR A 315 -15.05 9.35 -10.22
CA THR A 315 -13.79 9.88 -10.68
C THR A 315 -12.73 9.56 -9.61
N TYR A 316 -11.47 9.86 -9.89
CA TYR A 316 -10.43 9.59 -8.88
C TYR A 316 -10.65 10.44 -7.60
N GLU A 317 -11.18 11.64 -7.75
CA GLU A 317 -11.42 12.53 -6.63
C GLU A 317 -12.57 12.10 -5.73
N GLU A 318 -13.65 11.66 -6.36
CA GLU A 318 -14.74 11.03 -5.65
C GLU A 318 -14.31 9.73 -4.97
N TYR A 319 -13.51 8.91 -5.64
CA TYR A 319 -13.04 7.66 -5.05
C TYR A 319 -12.19 7.87 -3.81
N LEU A 320 -11.27 8.83 -3.89
CA LEU A 320 -10.37 9.10 -2.78
C LEU A 320 -11.08 9.86 -1.66
N GLY A 321 -12.05 10.70 -2.05
CA GLY A 321 -12.83 11.55 -1.13
C GLY A 321 -12.19 12.91 -0.87
N THR A 322 -13.02 13.92 -0.63
CA THR A 322 -12.55 15.31 -0.44
C THR A 322 -11.64 15.53 0.78
N GLU A 323 -11.95 14.89 1.90
CA GLU A 323 -11.02 14.78 3.03
C GLU A 323 -9.59 14.45 2.57
N TYR A 324 -9.41 13.26 2.02
CA TYR A 324 -8.08 12.77 1.67
C TYR A 324 -7.39 13.62 0.61
N VAL A 325 -8.15 14.04 -0.40
CA VAL A 325 -7.63 14.82 -1.53
C VAL A 325 -7.09 16.17 -1.08
N THR A 326 -7.78 16.86 -0.17
CA THR A 326 -7.22 18.15 0.25
C THR A 326 -6.02 17.96 1.18
N ALA A 327 -5.97 16.86 1.93
CA ALA A 327 -4.75 16.48 2.69
C ALA A 327 -3.50 16.33 1.82
N ILE A 328 -3.61 15.63 0.69
CA ILE A 328 -2.47 15.45 -0.21
C ILE A 328 -2.05 16.76 -0.87
N ALA A 329 -3.04 17.55 -1.29
CA ALA A 329 -2.80 18.84 -1.94
C ALA A 329 -2.01 19.77 -1.04
N ASN A 330 -2.41 19.86 0.22
CA ASN A 330 -1.71 20.66 1.24
C ASN A 330 -0.27 20.23 1.54
N LEU A 331 -0.03 18.93 1.72
CA LEU A 331 1.31 18.36 1.86
C LEU A 331 2.17 18.58 0.61
N LYS A 332 1.59 18.37 -0.57
CA LYS A 332 2.31 18.50 -1.84
C LYS A 332 2.82 19.93 -2.05
N LYS A 333 2.18 20.91 -1.43
CA LYS A 333 2.61 22.30 -1.53
C LYS A 333 3.91 22.59 -0.76
N CYS A 334 4.41 21.62 -0.01
CA CYS A 334 5.73 21.68 0.58
C CYS A 334 6.82 21.28 -0.42
N SER A 335 6.51 20.36 -1.33
CA SER A 335 7.53 19.73 -2.17
C SER A 335 7.53 20.28 -3.59
N LEU A 340 0.17 24.87 -10.19
CA LEU A 340 0.75 23.60 -9.79
C LEU A 340 -0.24 22.45 -10.04
N GLU A 341 -1.26 22.72 -10.86
CA GLU A 341 -2.21 21.70 -11.29
C GLU A 341 -1.77 21.12 -12.64
N ALA A 342 -1.49 19.82 -12.67
CA ALA A 342 -1.09 19.15 -13.90
C ALA A 342 -0.62 17.72 -13.63
N CYS A 343 -0.41 16.97 -14.72
CA CYS A 343 0.27 15.69 -14.64
C CYS A 343 1.75 15.93 -14.28
N ALA A 344 2.31 15.05 -13.45
CA ALA A 344 3.69 15.14 -12.99
C ALA A 344 4.73 14.66 -14.01
N PHE A 345 4.28 14.02 -15.08
CA PHE A 345 5.23 13.52 -16.08
C PHE A 345 5.08 14.27 -17.40
#